data_4WYW
#
_entry.id   4WYW
#
_cell.length_a   91.700
_cell.length_b   91.700
_cell.length_c   118.130
_cell.angle_alpha   90.00
_cell.angle_beta   90.00
_cell.angle_gamma   90.00
#
_symmetry.space_group_name_H-M   'P 41 21 2'
#
loop_
_entity.id
_entity.type
_entity.pdbx_description
1 polymer 'RNA-directed RNA polymerase 3D-POL'
2 non-polymer TRIPHOSPHATE
3 non-polymer GLYCEROL
4 non-polymer 'ACETATE ION'
5 water water
#
_entity_poly.entity_id   1
_entity_poly.type   'polypeptide(L)'
_entity_poly.pdbx_seq_one_letter_code
;GLIVDTRDVEERVHVMRKTELAPTVAHGVFNPEFGPAALSNKDPRLNEGVVLDEVIFSKHKGDTKMSAEDKALFRRCAAD
YASRLHSVLGTANAPLSIYEAIKGVDGLDAMEPDTAPGLPWALQGKRRGALIDFENGTVGPEVEAALKLMEKREYKFACQ
TFLKDEIRPMEKVRAGKTRIVDVLPVEHILYTRMMIGRFCAQMHSNNGPQIGSAVGCNPDVDWQRFGTHFAQYRNVWDVD
YSAFDANHCSDAMNIMFEEVFRTEFGFHPNAEWILKTLVNTEHAYENKRITVEGGMPSGCSATSIINTILNNIYVLYALR
RHYEGVELDTYTMISYGDDIVVASDYDLDFEALKPHFKSLGQTITPADKSDKGFVLGHSITDVTFLKRHFHMDYGTGFYK
PVMASKTLEAILSFARRGTIQEKLISVAGLAVHSGPDEYRRLFEPFQGLFEIPSYRSLYLRWVNAVCGDAAAALEHHHHH
H
;
_entity_poly.pdbx_strand_id   A
#
loop_
_chem_comp.id
_chem_comp.type
_chem_comp.name
_chem_comp.formula
3PO non-polymer TRIPHOSPHATE 'H5 O10 P3'
ACT non-polymer 'ACETATE ION' 'C2 H3 O2 -1'
GOL non-polymer GLYCEROL 'C3 H8 O3'
#
# COMPACT_ATOMS: atom_id res chain seq x y z
N GLY A 1 14.90 3.56 7.74
CA GLY A 1 16.23 3.62 7.07
C GLY A 1 17.23 4.46 7.83
N LEU A 2 18.50 4.32 7.45
CA LEU A 2 19.58 5.10 8.04
C LEU A 2 20.02 6.20 7.07
N ILE A 3 19.91 7.45 7.51
CA ILE A 3 20.44 8.57 6.73
C ILE A 3 21.95 8.57 6.89
N VAL A 4 22.66 8.22 5.81
CA VAL A 4 24.12 8.12 5.85
C VAL A 4 24.83 9.37 5.32
N ASP A 5 24.12 10.19 4.55
CA ASP A 5 24.69 11.41 4.01
C ASP A 5 23.62 12.44 3.66
N THR A 6 23.92 13.71 3.94
CA THR A 6 23.09 14.82 3.52
C THR A 6 24.00 15.91 2.98
N ARG A 7 23.71 16.39 1.76
CA ARG A 7 24.52 17.40 1.11
CA ARG A 7 24.52 17.41 1.12
C ARG A 7 23.65 18.39 0.33
N ASP A 8 24.16 19.61 0.16
CA ASP A 8 23.47 20.65 -0.58
C ASP A 8 24.03 20.72 -2.00
N VAL A 9 23.15 20.92 -2.97
CA VAL A 9 23.55 21.00 -4.38
C VAL A 9 22.97 22.24 -5.04
N GLU A 10 23.45 22.54 -6.25
CA GLU A 10 23.02 23.74 -6.98
C GLU A 10 21.61 23.62 -7.54
N GLU A 11 21.28 22.45 -8.09
CA GLU A 11 19.98 22.22 -8.71
C GLU A 11 18.87 22.07 -7.66
N ARG A 12 17.88 22.96 -7.71
CA ARG A 12 16.77 22.94 -6.76
C ARG A 12 15.58 22.17 -7.35
N VAL A 13 15.22 21.07 -6.71
CA VAL A 13 14.05 20.28 -7.09
C VAL A 13 12.84 20.75 -6.27
N HIS A 14 11.91 21.43 -6.94
CA HIS A 14 10.78 22.06 -6.24
C HIS A 14 9.85 21.04 -5.58
N VAL A 15 9.55 21.27 -4.31
CA VAL A 15 8.71 20.37 -3.51
C VAL A 15 7.41 20.99 -3.00
N MET A 16 7.47 22.24 -2.55
N MET A 16 7.47 22.24 -2.55
CA MET A 16 6.30 22.92 -2.00
CA MET A 16 6.31 22.93 -2.00
C MET A 16 5.28 23.25 -3.08
C MET A 16 5.29 23.25 -3.09
N ARG A 17 4.01 23.01 -2.80
CA ARG A 17 2.91 23.28 -3.73
C ARG A 17 1.70 23.83 -2.99
N LYS A 18 0.63 24.09 -3.73
CA LYS A 18 -0.67 24.45 -3.16
C LYS A 18 -1.60 23.26 -3.31
N THR A 19 -2.44 23.04 -2.31
CA THR A 19 -3.37 21.90 -2.32
C THR A 19 -4.44 22.07 -3.41
N GLU A 20 -4.80 20.95 -4.03
CA GLU A 20 -5.90 20.90 -4.99
C GLU A 20 -7.22 20.57 -4.30
N LEU A 21 -7.14 20.21 -3.01
CA LEU A 21 -8.32 19.84 -2.24
C LEU A 21 -9.03 21.07 -1.69
N ALA A 22 -10.35 21.01 -1.65
CA ALA A 22 -11.18 22.06 -1.07
C ALA A 22 -12.35 21.44 -0.31
N PRO A 23 -12.84 22.13 0.74
CA PRO A 23 -14.02 21.64 1.45
C PRO A 23 -15.24 21.50 0.56
N THR A 24 -16.05 20.48 0.81
CA THR A 24 -17.31 20.27 0.09
C THR A 24 -18.46 20.77 0.94
N VAL A 25 -19.67 20.69 0.40
CA VAL A 25 -20.89 21.01 1.14
C VAL A 25 -21.01 20.19 2.44
N ALA A 26 -20.50 18.95 2.41
CA ALA A 26 -20.55 18.06 3.57
C ALA A 26 -19.68 18.52 4.75
N HIS A 27 -18.62 19.29 4.48
CA HIS A 27 -17.70 19.74 5.52
C HIS A 27 -18.40 20.50 6.64
N GLY A 28 -19.29 21.43 6.25
CA GLY A 28 -20.05 22.21 7.21
C GLY A 28 -21.01 21.39 8.05
N VAL A 29 -21.47 20.27 7.50
CA VAL A 29 -22.41 19.39 8.20
C VAL A 29 -21.68 18.46 9.17
N PHE A 30 -20.59 17.84 8.72
CA PHE A 30 -19.88 16.82 9.50
C PHE A 30 -18.76 17.38 10.37
N ASN A 31 -18.14 18.48 9.96
CA ASN A 31 -17.08 19.12 10.73
C ASN A 31 -16.01 18.13 11.20
N PRO A 32 -15.35 17.45 10.24
CA PRO A 32 -14.41 16.40 10.61
C PRO A 32 -13.11 16.95 11.17
N GLU A 33 -12.47 16.19 12.05
CA GLU A 33 -11.16 16.56 12.60
CA GLU A 33 -11.16 16.56 12.60
C GLU A 33 -10.07 16.13 11.62
N PHE A 34 -10.25 16.49 10.35
CA PHE A 34 -9.36 16.14 9.28
C PHE A 34 -9.20 17.36 8.37
N GLY A 35 -8.07 17.46 7.69
CA GLY A 35 -7.85 18.54 6.73
C GLY A 35 -6.69 18.21 5.81
N PRO A 36 -6.51 19.03 4.75
CA PRO A 36 -5.39 18.82 3.83
C PRO A 36 -4.04 18.91 4.54
N ALA A 37 -3.12 18.02 4.18
CA ALA A 37 -1.77 18.06 4.73
C ALA A 37 -1.07 19.35 4.33
N ALA A 38 -0.18 19.83 5.19
CA ALA A 38 0.61 21.02 4.88
C ALA A 38 1.58 20.69 3.75
N LEU A 39 1.55 21.52 2.70
CA LEU A 39 2.45 21.36 1.56
C LEU A 39 3.45 22.50 1.48
N SER A 40 3.59 23.24 2.59
CA SER A 40 4.53 24.36 2.66
C SER A 40 4.91 24.65 4.11
N ASN A 41 6.15 25.11 4.32
CA ASN A 41 6.62 25.54 5.63
C ASN A 41 5.89 26.77 6.16
N LYS A 42 5.36 27.59 5.25
CA LYS A 42 4.65 28.81 5.62
C LYS A 42 3.18 28.57 6.00
N ASP A 43 2.73 27.31 5.97
CA ASP A 43 1.37 26.98 6.36
C ASP A 43 1.14 27.36 7.82
N PRO A 44 0.16 28.24 8.09
CA PRO A 44 -0.04 28.76 9.45
C PRO A 44 -0.58 27.75 10.46
N ARG A 45 -1.10 26.62 9.97
CA ARG A 45 -1.61 25.56 10.85
C ARG A 45 -0.50 24.77 11.52
N LEU A 46 0.72 24.85 10.99
CA LEU A 46 1.86 24.09 11.53
C LEU A 46 2.25 24.56 12.92
N ASN A 47 2.60 23.59 13.78
CA ASN A 47 3.05 23.87 15.14
C ASN A 47 4.40 24.59 15.14
N GLU A 48 4.72 25.22 16.27
CA GLU A 48 5.99 25.92 16.43
C GLU A 48 7.12 24.90 16.52
N GLY A 49 8.17 25.09 15.72
CA GLY A 49 9.33 24.21 15.70
C GLY A 49 9.29 23.21 14.57
N VAL A 50 8.18 23.19 13.81
CA VAL A 50 8.00 22.24 12.72
C VAL A 50 8.75 22.70 11.47
N VAL A 51 9.79 21.94 11.11
CA VAL A 51 10.50 22.12 9.86
C VAL A 51 10.10 20.95 8.96
N LEU A 52 9.37 21.26 7.89
CA LEU A 52 8.66 20.23 7.11
C LEU A 52 9.61 19.14 6.57
N ASP A 53 10.75 19.53 6.03
CA ASP A 53 11.71 18.55 5.50
C ASP A 53 12.30 17.65 6.59
N GLU A 54 12.43 18.18 7.80
CA GLU A 54 12.98 17.43 8.92
C GLU A 54 11.97 16.42 9.46
N VAL A 55 10.70 16.79 9.48
CA VAL A 55 9.64 15.89 9.97
C VAL A 55 9.41 14.73 9.00
N ILE A 56 9.38 15.03 7.70
CA ILE A 56 9.17 13.98 6.68
C ILE A 56 10.28 12.93 6.63
N PHE A 57 11.50 13.33 7.01
CA PHE A 57 12.64 12.40 7.07
C PHE A 57 12.94 11.91 8.50
N SER A 58 12.11 12.29 9.47
CA SER A 58 12.30 11.89 10.87
C SER A 58 12.00 10.41 11.11
N LYS A 59 11.23 9.80 10.21
CA LYS A 59 10.94 8.36 10.28
C LYS A 59 12.19 7.49 10.08
N HIS A 60 13.22 8.04 9.44
CA HIS A 60 14.47 7.31 9.22
C HIS A 60 15.37 7.38 10.45
N LYS A 61 15.20 6.41 11.35
CA LYS A 61 15.93 6.35 12.61
C LYS A 61 16.82 5.10 12.69
N GLY A 62 17.42 4.73 11.57
CA GLY A 62 18.39 3.64 11.54
C GLY A 62 18.02 2.47 10.64
N ASP A 63 19.03 1.66 10.33
CA ASP A 63 18.88 0.45 9.54
C ASP A 63 19.32 -0.71 10.40
N THR A 64 18.36 -1.48 10.92
CA THR A 64 18.65 -2.57 11.86
C THR A 64 19.48 -3.67 11.19
N LYS A 65 20.70 -3.88 11.68
CA LYS A 65 21.53 -4.96 11.18
C LYS A 65 21.28 -6.21 12.00
N MET A 66 20.67 -7.21 11.36
CA MET A 66 20.27 -8.44 12.03
C MET A 66 21.48 -9.33 12.28
N SER A 67 21.41 -10.17 13.31
CA SER A 67 22.48 -11.12 13.59
C SER A 67 22.58 -12.17 12.49
N ALA A 68 23.73 -12.80 12.38
CA ALA A 68 23.95 -13.88 11.41
C ALA A 68 22.90 -14.98 11.55
N GLU A 69 22.61 -15.38 12.79
CA GLU A 69 21.59 -16.38 13.08
C GLU A 69 20.20 -15.93 12.62
N ASP A 70 19.88 -14.66 12.87
CA ASP A 70 18.58 -14.11 12.48
C ASP A 70 18.43 -13.95 10.97
N LYS A 71 19.51 -13.58 10.29
CA LYS A 71 19.50 -13.50 8.83
C LYS A 71 19.32 -14.88 8.21
N ALA A 72 19.96 -15.89 8.78
CA ALA A 72 19.79 -17.28 8.34
C ALA A 72 18.34 -17.74 8.53
N LEU A 73 17.76 -17.42 9.69
CA LEU A 73 16.34 -17.70 9.95
C LEU A 73 15.45 -16.97 8.94
N PHE A 74 15.73 -15.69 8.73
CA PHE A 74 14.94 -14.87 7.82
C PHE A 74 14.96 -15.43 6.40
N ARG A 75 16.12 -15.88 5.94
CA ARG A 75 16.24 -16.48 4.61
C ARG A 75 15.41 -17.75 4.47
N ARG A 76 15.45 -18.61 5.49
CA ARG A 76 14.62 -19.81 5.50
C ARG A 76 13.13 -19.46 5.42
N CYS A 77 12.73 -18.43 6.16
CA CYS A 77 11.35 -17.96 6.14
C CYS A 77 10.96 -17.36 4.78
N ALA A 78 11.87 -16.56 4.21
CA ALA A 78 11.67 -15.99 2.89
C ALA A 78 11.52 -17.08 1.82
N ALA A 79 12.39 -18.09 1.89
CA ALA A 79 12.37 -19.21 0.95
C ALA A 79 11.11 -20.06 1.12
N ASP A 80 10.68 -20.28 2.36
CA ASP A 80 9.46 -21.04 2.63
C ASP A 80 8.21 -20.32 2.13
N TYR A 81 8.16 -19.00 2.35
CA TYR A 81 7.04 -18.21 1.82
C TYR A 81 7.08 -18.18 0.28
N ALA A 82 8.25 -17.95 -0.28
CA ALA A 82 8.44 -17.98 -1.74
C ALA A 82 7.99 -19.30 -2.35
N SER A 83 8.28 -20.40 -1.67
CA SER A 83 7.87 -21.73 -2.11
C SER A 83 6.35 -21.83 -2.22
N ARG A 84 5.65 -21.40 -1.18
CA ARG A 84 4.18 -21.34 -1.19
C ARG A 84 3.70 -20.46 -2.33
N LEU A 85 4.31 -19.27 -2.44
CA LEU A 85 3.88 -18.26 -3.40
C LEU A 85 3.96 -18.77 -4.84
N HIS A 86 5.13 -19.28 -5.22
CA HIS A 86 5.35 -19.73 -6.59
C HIS A 86 4.68 -21.07 -6.90
N SER A 87 4.39 -21.85 -5.86
CA SER A 87 3.59 -23.07 -6.02
C SER A 87 2.16 -22.74 -6.45
N VAL A 88 1.58 -21.72 -5.83
CA VAL A 88 0.22 -21.29 -6.17
C VAL A 88 0.18 -20.56 -7.51
N LEU A 89 1.09 -19.60 -7.69
CA LEU A 89 1.09 -18.72 -8.86
C LEU A 89 1.67 -19.36 -10.12
N GLY A 90 2.65 -20.25 -9.95
CA GLY A 90 3.39 -20.82 -11.08
C GLY A 90 4.69 -20.05 -11.30
N THR A 91 5.38 -20.34 -12.39
CA THR A 91 6.70 -19.75 -12.67
C THR A 91 6.75 -18.97 -13.99
N ALA A 92 5.60 -18.51 -14.48
CA ALA A 92 5.55 -17.69 -15.69
C ALA A 92 5.87 -16.24 -15.31
N ASN A 93 7.14 -15.98 -15.05
CA ASN A 93 7.58 -14.70 -14.49
C ASN A 93 8.59 -13.95 -15.36
N ALA A 94 8.67 -14.33 -16.63
CA ALA A 94 9.61 -13.70 -17.57
C ALA A 94 9.22 -12.23 -17.82
N PRO A 95 10.18 -11.42 -18.29
CA PRO A 95 9.91 -10.00 -18.47
C PRO A 95 8.73 -9.66 -19.38
N LEU A 96 8.01 -8.58 -19.06
CA LEU A 96 7.04 -8.01 -19.97
C LEU A 96 7.79 -7.29 -21.10
N SER A 97 7.14 -7.17 -22.25
CA SER A 97 7.66 -6.34 -23.33
C SER A 97 7.50 -4.86 -22.92
N ILE A 98 8.16 -3.98 -23.65
CA ILE A 98 8.01 -2.53 -23.41
C ILE A 98 6.55 -2.13 -23.58
N TYR A 99 5.89 -2.66 -24.62
CA TYR A 99 4.48 -2.40 -24.88
C TYR A 99 3.60 -2.84 -23.71
N GLU A 100 3.82 -4.05 -23.23
CA GLU A 100 3.04 -4.61 -22.12
C GLU A 100 3.27 -3.86 -20.81
N ALA A 101 4.52 -3.44 -20.58
CA ALA A 101 4.87 -2.68 -19.37
C ALA A 101 4.17 -1.32 -19.35
N ILE A 102 4.07 -0.68 -20.51
CA ILE A 102 3.41 0.62 -20.62
C ILE A 102 1.89 0.48 -20.59
N LYS A 103 1.36 -0.41 -21.43
CA LYS A 103 -0.08 -0.56 -21.62
C LYS A 103 -0.76 -1.45 -20.57
N GLY A 104 0.04 -2.25 -19.85
CA GLY A 104 -0.49 -3.17 -18.86
C GLY A 104 -0.94 -4.49 -19.48
N VAL A 105 -1.32 -5.42 -18.61
CA VAL A 105 -1.81 -6.74 -19.02
C VAL A 105 -2.95 -7.14 -18.07
N ASP A 106 -3.54 -8.31 -18.31
CA ASP A 106 -4.59 -8.82 -17.43
C ASP A 106 -4.06 -8.93 -16.00
N GLY A 107 -4.61 -8.11 -15.10
CA GLY A 107 -4.19 -8.08 -13.70
C GLY A 107 -3.17 -7.00 -13.37
N LEU A 108 -2.83 -6.17 -14.35
CA LEU A 108 -1.87 -5.08 -14.14
C LEU A 108 -2.32 -3.84 -14.90
N ASP A 109 -2.61 -2.76 -14.17
CA ASP A 109 -3.07 -1.50 -14.76
C ASP A 109 -1.99 -0.88 -15.64
N ALA A 110 -2.43 -0.09 -16.63
CA ALA A 110 -1.51 0.64 -17.51
C ALA A 110 -0.80 1.74 -16.74
N MET A 111 0.37 2.15 -17.23
CA MET A 111 1.12 3.26 -16.63
C MET A 111 0.37 4.58 -16.84
N GLU A 112 0.55 5.50 -15.90
CA GLU A 112 -0.12 6.80 -15.95
C GLU A 112 0.57 7.70 -16.98
N PRO A 113 -0.20 8.22 -17.96
CA PRO A 113 0.41 9.03 -19.04
C PRO A 113 0.96 10.40 -18.62
N ASP A 114 0.39 11.02 -17.58
CA ASP A 114 0.74 12.41 -17.23
C ASP A 114 1.05 12.65 -15.75
N THR A 115 1.48 11.61 -15.03
CA THR A 115 1.96 11.79 -13.67
C THR A 115 3.43 12.23 -13.71
N ALA A 116 3.99 12.56 -12.54
CA ALA A 116 5.37 13.04 -12.44
C ALA A 116 6.36 12.07 -13.12
N PRO A 117 7.24 12.60 -13.99
CA PRO A 117 8.24 11.77 -14.68
C PRO A 117 9.48 11.45 -13.84
N GLY A 118 9.71 12.20 -12.77
CA GLY A 118 10.91 12.02 -11.95
C GLY A 118 12.10 12.75 -12.49
N LEU A 119 13.27 12.50 -11.92
CA LEU A 119 14.51 13.22 -12.25
C LEU A 119 15.37 12.45 -13.24
N PRO A 120 16.15 13.17 -14.08
CA PRO A 120 16.29 14.63 -14.15
C PRO A 120 15.26 15.31 -15.07
N TRP A 121 14.21 14.59 -15.46
CA TRP A 121 13.25 15.08 -16.46
C TRP A 121 12.46 16.29 -15.94
N ALA A 122 12.13 16.27 -14.65
CA ALA A 122 11.42 17.38 -14.01
C ALA A 122 12.20 18.68 -14.07
N LEU A 123 13.53 18.60 -13.92
CA LEU A 123 14.41 19.76 -14.01
C LEU A 123 14.53 20.27 -15.44
N GLN A 124 14.46 19.37 -16.42
CA GLN A 124 14.55 19.72 -17.83
C GLN A 124 13.21 20.19 -18.43
N GLY A 125 12.15 20.18 -17.62
CA GLY A 125 10.83 20.63 -18.06
C GLY A 125 10.14 19.65 -19.00
N LYS A 126 10.52 18.37 -18.91
CA LYS A 126 9.95 17.33 -19.75
C LYS A 126 8.89 16.54 -18.99
N ARG A 127 7.71 16.39 -19.58
CA ARG A 127 6.65 15.55 -19.03
C ARG A 127 6.86 14.11 -19.48
N ARG A 128 6.08 13.19 -18.90
CA ARG A 128 6.17 11.78 -19.26
C ARG A 128 5.90 11.55 -20.75
N GLY A 129 4.92 12.27 -21.30
CA GLY A 129 4.55 12.15 -22.71
C GLY A 129 5.66 12.52 -23.69
N ALA A 130 6.58 13.38 -23.26
CA ALA A 130 7.75 13.75 -24.07
C ALA A 130 8.76 12.60 -24.17
N LEU A 131 8.74 11.70 -23.19
CA LEU A 131 9.66 10.57 -23.13
C LEU A 131 9.06 9.25 -23.64
N ILE A 132 7.77 9.04 -23.38
CA ILE A 132 7.09 7.79 -23.70
C ILE A 132 5.79 8.05 -24.46
N ASP A 133 5.55 7.25 -25.50
CA ASP A 133 4.29 7.27 -26.23
C ASP A 133 3.36 6.24 -25.59
N PHE A 134 2.45 6.71 -24.74
CA PHE A 134 1.57 5.83 -23.97
C PHE A 134 0.43 5.24 -24.80
N GLU A 135 0.06 5.91 -25.89
CA GLU A 135 -0.96 5.40 -26.81
C GLU A 135 -0.44 4.20 -27.59
N ASN A 136 0.74 4.35 -28.18
CA ASN A 136 1.37 3.30 -28.99
C ASN A 136 2.24 2.33 -28.21
N GLY A 137 2.57 2.67 -26.96
CA GLY A 137 3.38 1.80 -26.10
C GLY A 137 4.83 1.70 -26.56
N THR A 138 5.42 2.82 -26.93
CA THR A 138 6.81 2.88 -27.38
C THR A 138 7.57 3.93 -26.59
N VAL A 139 8.89 3.83 -26.58
CA VAL A 139 9.75 4.73 -25.80
C VAL A 139 10.68 5.53 -26.71
N GLY A 140 11.04 6.73 -26.26
CA GLY A 140 11.97 7.59 -27.00
C GLY A 140 13.43 7.22 -26.74
N PRO A 141 14.36 7.94 -27.38
CA PRO A 141 15.79 7.63 -27.27
C PRO A 141 16.38 7.82 -25.86
N GLU A 142 15.82 8.74 -25.07
CA GLU A 142 16.30 8.98 -23.72
C GLU A 142 16.00 7.77 -22.83
N VAL A 143 14.77 7.28 -22.91
CA VAL A 143 14.36 6.10 -22.14
C VAL A 143 15.08 4.85 -22.66
N GLU A 144 15.19 4.71 -23.98
CA GLU A 144 15.96 3.61 -24.59
C GLU A 144 17.38 3.53 -24.01
N ALA A 145 18.04 4.68 -23.97
CA ALA A 145 19.40 4.77 -23.42
C ALA A 145 19.44 4.31 -21.96
N ALA A 146 18.48 4.79 -21.17
CA ALA A 146 18.42 4.44 -19.75
C ALA A 146 18.16 2.94 -19.55
N LEU A 147 17.27 2.38 -20.37
CA LEU A 147 16.98 0.94 -20.31
C LEU A 147 18.22 0.09 -20.56
N LYS A 148 19.08 0.53 -21.47
CA LYS A 148 20.33 -0.16 -21.75
C LYS A 148 21.27 -0.15 -20.54
N LEU A 149 21.30 0.96 -19.82
CA LEU A 149 22.09 1.05 -18.58
C LEU A 149 21.56 0.08 -17.53
N MET A 150 20.24 -0.06 -17.45
CA MET A 150 19.62 -1.00 -16.51
C MET A 150 19.90 -2.45 -16.91
N GLU A 151 19.86 -2.74 -18.21
CA GLU A 151 20.25 -4.05 -18.72
C GLU A 151 21.68 -4.42 -18.33
N LYS A 152 22.58 -3.43 -18.34
CA LYS A 152 23.99 -3.64 -18.02
C LYS A 152 24.31 -3.40 -16.54
N ARG A 153 23.30 -3.08 -15.73
CA ARG A 153 23.46 -2.83 -14.30
C ARG A 153 24.36 -1.63 -13.99
N GLU A 154 24.30 -0.62 -14.86
CA GLU A 154 25.10 0.59 -14.71
C GLU A 154 24.23 1.81 -14.41
N TYR A 155 22.92 1.62 -14.36
CA TYR A 155 21.98 2.73 -14.16
C TYR A 155 22.00 3.24 -12.72
N LYS A 156 22.05 4.57 -12.58
CA LYS A 156 21.98 5.23 -11.28
C LYS A 156 20.90 6.30 -11.36
N PHE A 157 20.30 6.63 -10.21
CA PHE A 157 19.20 7.59 -10.18
C PHE A 157 19.01 8.23 -8.81
N ALA A 158 18.20 9.28 -8.79
CA ALA A 158 17.76 9.91 -7.55
C ALA A 158 16.24 9.89 -7.50
N CYS A 159 15.69 9.80 -6.28
CA CYS A 159 14.25 9.86 -6.07
C CYS A 159 13.84 11.30 -5.84
N GLN A 160 12.70 11.69 -6.41
CA GLN A 160 12.15 13.02 -6.20
C GLN A 160 11.11 12.99 -5.08
N THR A 161 11.38 13.73 -4.01
CA THR A 161 10.45 13.80 -2.89
C THR A 161 9.24 14.66 -3.25
N PHE A 162 8.08 14.01 -3.32
CA PHE A 162 6.81 14.64 -3.66
CA PHE A 162 6.82 14.66 -3.65
C PHE A 162 5.91 14.63 -2.42
N LEU A 163 5.40 15.79 -2.04
CA LEU A 163 4.49 15.88 -0.89
C LEU A 163 3.12 15.35 -1.30
N LYS A 164 2.57 14.44 -0.49
CA LYS A 164 1.29 13.81 -0.81
C LYS A 164 0.15 14.75 -0.46
N ASP A 165 -0.55 15.23 -1.49
CA ASP A 165 -1.71 16.10 -1.32
C ASP A 165 -2.91 15.24 -0.95
N GLU A 166 -3.24 15.23 0.34
CA GLU A 166 -4.29 14.35 0.85
C GLU A 166 -4.82 14.86 2.19
N ILE A 167 -5.97 14.32 2.58
CA ILE A 167 -6.56 14.65 3.88
C ILE A 167 -5.92 13.78 4.97
N ARG A 168 -5.58 14.42 6.08
CA ARG A 168 -5.00 13.73 7.24
C ARG A 168 -5.69 14.18 8.52
N PRO A 169 -5.55 13.40 9.61
CA PRO A 169 -6.01 13.88 10.91
C PRO A 169 -5.33 15.19 11.27
N MET A 170 -6.08 16.14 11.81
CA MET A 170 -5.55 17.49 12.04
C MET A 170 -4.33 17.51 12.96
N GLU A 171 -4.31 16.62 13.96
CA GLU A 171 -3.15 16.47 14.84
C GLU A 171 -1.88 16.16 14.04
N LYS A 172 -2.03 15.30 13.03
CA LYS A 172 -0.92 14.95 12.14
C LYS A 172 -0.55 16.13 11.23
N VAL A 173 -1.57 16.82 10.72
CA VAL A 173 -1.37 17.97 9.84
C VAL A 173 -0.54 19.05 10.53
N ARG A 174 -0.95 19.43 11.73
CA ARG A 174 -0.30 20.52 12.46
C ARG A 174 1.12 20.14 12.91
N ALA A 175 1.35 18.85 13.14
CA ALA A 175 2.68 18.35 13.49
C ALA A 175 3.61 18.25 12.28
N GLY A 176 3.12 18.58 11.10
CA GLY A 176 3.92 18.53 9.88
C GLY A 176 4.15 17.12 9.36
N LYS A 177 3.29 16.19 9.75
CA LYS A 177 3.41 14.80 9.33
C LYS A 177 2.73 14.59 7.97
N THR A 178 3.21 15.34 6.98
CA THR A 178 2.76 15.19 5.60
C THR A 178 3.48 13.98 5.03
N ARG A 179 2.72 13.04 4.48
CA ARG A 179 3.30 11.84 3.88
C ARG A 179 3.89 12.20 2.53
N ILE A 180 4.83 11.37 2.07
CA ILE A 180 5.52 11.65 0.82
C ILE A 180 5.41 10.50 -0.17
N VAL A 181 5.51 10.84 -1.45
CA VAL A 181 5.65 9.87 -2.52
C VAL A 181 7.06 10.03 -3.07
N ASP A 182 7.85 8.95 -3.01
CA ASP A 182 9.17 8.95 -3.60
C ASP A 182 9.02 8.66 -5.09
N VAL A 183 9.02 9.71 -5.91
CA VAL A 183 8.84 9.55 -7.34
C VAL A 183 10.17 9.15 -7.99
N LEU A 184 10.22 7.90 -8.46
CA LEU A 184 11.40 7.41 -9.17
C LEU A 184 11.27 7.77 -10.66
N PRO A 185 12.39 7.77 -11.39
CA PRO A 185 12.32 8.08 -12.82
C PRO A 185 11.36 7.15 -13.55
N VAL A 186 10.60 7.69 -14.51
CA VAL A 186 9.60 6.91 -15.23
C VAL A 186 10.18 5.65 -15.88
N GLU A 187 11.42 5.73 -16.35
CA GLU A 187 12.10 4.57 -16.94
C GLU A 187 12.41 3.46 -15.92
N HIS A 188 12.64 3.85 -14.66
CA HIS A 188 12.88 2.89 -13.58
C HIS A 188 11.59 2.13 -13.26
N ILE A 189 10.48 2.86 -13.21
CA ILE A 189 9.16 2.26 -13.00
C ILE A 189 8.85 1.34 -14.17
N LEU A 190 9.16 1.79 -15.38
CA LEU A 190 8.97 0.98 -16.58
C LEU A 190 9.75 -0.33 -16.51
N TYR A 191 11.04 -0.25 -16.18
CA TYR A 191 11.90 -1.43 -16.14
C TYR A 191 11.52 -2.37 -14.99
N THR A 192 11.11 -1.80 -13.85
CA THR A 192 10.62 -2.60 -12.74
C THR A 192 9.39 -3.39 -13.16
N ARG A 193 8.46 -2.72 -13.85
CA ARG A 193 7.28 -3.39 -14.39
C ARG A 193 7.65 -4.45 -15.43
N MET A 194 8.66 -4.17 -16.24
CA MET A 194 9.17 -5.18 -17.17
C MET A 194 9.70 -6.41 -16.43
N MET A 195 10.45 -6.19 -15.36
CA MET A 195 11.09 -7.27 -14.62
C MET A 195 10.15 -8.11 -13.75
N ILE A 196 9.19 -7.47 -13.09
CA ILE A 196 8.29 -8.19 -12.16
C ILE A 196 6.79 -7.96 -12.37
N GLY A 197 6.41 -7.29 -13.46
CA GLY A 197 5.00 -6.97 -13.69
C GLY A 197 4.13 -8.20 -13.89
N ARG A 198 4.66 -9.21 -14.55
CA ARG A 198 3.94 -10.47 -14.76
C ARG A 198 3.64 -11.13 -13.41
N PHE A 199 4.66 -11.19 -12.55
CA PHE A 199 4.51 -11.70 -11.19
C PHE A 199 3.46 -10.90 -10.39
N CYS A 200 3.51 -9.58 -10.50
CA CYS A 200 2.54 -8.71 -9.82
C CYS A 200 1.12 -8.97 -10.30
N ALA A 201 0.96 -9.16 -11.61
CA ALA A 201 -0.34 -9.48 -12.19
C ALA A 201 -0.91 -10.79 -11.61
N GLN A 202 -0.07 -11.80 -11.51
CA GLN A 202 -0.47 -13.09 -10.94
C GLN A 202 -0.79 -12.99 -9.45
N MET A 203 -0.01 -12.19 -8.72
CA MET A 203 -0.29 -11.90 -7.32
C MET A 203 -1.70 -11.34 -7.17
N HIS A 204 -2.03 -10.34 -7.99
CA HIS A 204 -3.34 -9.70 -7.93
C HIS A 204 -4.47 -10.69 -8.22
N SER A 205 -4.28 -11.50 -9.27
CA SER A 205 -5.32 -12.45 -9.70
C SER A 205 -5.55 -13.60 -8.71
N ASN A 206 -4.54 -13.93 -7.91
CA ASN A 206 -4.64 -15.02 -6.94
C ASN A 206 -4.62 -14.54 -5.49
N ASN A 207 -5.13 -13.32 -5.24
CA ASN A 207 -5.15 -12.77 -3.89
C ASN A 207 -5.97 -13.64 -2.93
N GLY A 208 -5.54 -13.71 -1.68
CA GLY A 208 -6.22 -14.51 -0.66
C GLY A 208 -5.27 -14.98 0.44
N PRO A 209 -5.82 -15.69 1.44
CA PRO A 209 -5.01 -16.18 2.56
C PRO A 209 -3.97 -17.24 2.20
N GLN A 210 -4.18 -17.97 1.10
CA GLN A 210 -3.22 -18.99 0.68
C GLN A 210 -1.84 -18.38 0.37
N ILE A 211 -1.84 -17.22 -0.28
CA ILE A 211 -0.60 -16.48 -0.53
C ILE A 211 -0.42 -15.30 0.43
N GLY A 212 -1.40 -15.10 1.32
CA GLY A 212 -1.31 -14.10 2.39
C GLY A 212 -1.33 -12.66 1.91
N SER A 213 -1.96 -12.43 0.77
CA SER A 213 -1.96 -11.12 0.13
C SER A 213 -3.36 -10.73 -0.31
N ALA A 214 -3.77 -9.51 0.04
CA ALA A 214 -5.04 -8.94 -0.39
C ALA A 214 -4.85 -7.91 -1.50
N VAL A 215 -3.62 -7.79 -2.02
CA VAL A 215 -3.33 -6.81 -3.06
C VAL A 215 -4.07 -7.22 -4.33
N GLY A 216 -4.81 -6.28 -4.91
CA GLY A 216 -5.63 -6.56 -6.09
C GLY A 216 -7.00 -7.16 -5.78
N CYS A 217 -7.35 -7.24 -4.49
CA CYS A 217 -8.66 -7.75 -4.11
C CYS A 217 -9.74 -6.71 -4.37
N ASN A 218 -10.98 -7.17 -4.38
CA ASN A 218 -12.16 -6.31 -4.46
C ASN A 218 -12.98 -6.57 -3.19
N PRO A 219 -12.88 -5.66 -2.20
CA PRO A 219 -13.54 -5.85 -0.91
C PRO A 219 -15.02 -6.25 -1.01
N ASP A 220 -15.74 -5.66 -1.96
CA ASP A 220 -17.14 -6.03 -2.21
C ASP A 220 -17.31 -7.53 -2.41
N VAL A 221 -16.45 -8.11 -3.24
CA VAL A 221 -16.54 -9.53 -3.58
C VAL A 221 -15.83 -10.41 -2.55
N ASP A 222 -14.67 -9.95 -2.07
CA ASP A 222 -13.74 -10.81 -1.34
C ASP A 222 -13.92 -10.83 0.19
N TRP A 223 -14.67 -9.89 0.76
CA TRP A 223 -14.93 -9.92 2.20
C TRP A 223 -15.67 -11.19 2.61
N GLN A 224 -16.54 -11.70 1.75
CA GLN A 224 -17.21 -12.97 1.98
C GLN A 224 -16.19 -14.12 2.04
N ARG A 225 -15.26 -14.12 1.08
CA ARG A 225 -14.22 -15.15 1.00
C ARG A 225 -13.27 -15.06 2.19
N PHE A 226 -12.80 -13.85 2.50
CA PHE A 226 -11.88 -13.65 3.62
C PHE A 226 -12.57 -13.92 4.96
N GLY A 227 -13.77 -13.37 5.13
CA GLY A 227 -14.54 -13.51 6.37
C GLY A 227 -14.85 -14.95 6.73
N THR A 228 -15.34 -15.71 5.76
CA THR A 228 -15.65 -17.13 5.95
C THR A 228 -14.40 -17.94 6.33
N HIS A 229 -13.26 -17.56 5.79
CA HIS A 229 -11.99 -18.22 6.09
C HIS A 229 -11.55 -17.98 7.53
N PHE A 230 -11.45 -16.71 7.91
CA PHE A 230 -10.98 -16.34 9.25
C PHE A 230 -11.96 -16.68 10.38
N ALA A 231 -13.23 -16.83 10.04
CA ALA A 231 -14.26 -17.23 11.01
C ALA A 231 -14.04 -18.65 11.57
N GLN A 232 -13.28 -19.47 10.84
CA GLN A 232 -13.01 -20.85 11.25
C GLN A 232 -11.99 -21.01 12.39
N TYR A 233 -11.22 -19.95 12.67
CA TYR A 233 -10.11 -20.04 13.62
C TYR A 233 -10.46 -19.53 15.01
N ARG A 234 -9.80 -20.09 16.03
CA ARG A 234 -10.09 -19.78 17.43
C ARG A 234 -9.64 -18.36 17.81
N ASN A 235 -8.48 -17.95 17.30
CA ASN A 235 -7.93 -16.63 17.59
C ASN A 235 -7.70 -15.84 16.31
N VAL A 236 -8.02 -14.55 16.36
CA VAL A 236 -7.74 -13.62 15.27
C VAL A 236 -7.11 -12.35 15.85
N TRP A 237 -6.01 -11.90 15.23
CA TRP A 237 -5.32 -10.68 15.63
C TRP A 237 -5.21 -9.72 14.43
N ASP A 238 -5.42 -8.43 14.68
CA ASP A 238 -5.02 -7.41 13.69
C ASP A 238 -3.94 -6.54 14.32
N VAL A 239 -2.86 -6.35 13.57
CA VAL A 239 -1.62 -5.76 14.09
C VAL A 239 -1.33 -4.43 13.40
N ASP A 240 -0.87 -3.47 14.19
CA ASP A 240 -0.44 -2.17 13.68
C ASP A 240 1.07 -2.05 13.75
N TYR A 241 1.66 -1.52 12.69
CA TYR A 241 3.08 -1.17 12.66
C TYR A 241 3.24 0.34 12.73
N SER A 242 4.41 0.81 13.14
CA SER A 242 4.76 2.22 13.08
C SER A 242 5.86 2.43 12.05
N ALA A 243 5.54 3.18 10.99
CA ALA A 243 6.47 3.42 9.88
C ALA A 243 7.00 2.11 9.29
N PHE A 244 6.07 1.26 8.86
CA PHE A 244 6.36 -0.05 8.28
C PHE A 244 7.36 0.04 7.13
N ASP A 245 7.05 0.90 6.15
CA ASP A 245 7.86 1.05 4.94
C ASP A 245 9.27 1.52 5.25
N ALA A 246 9.38 2.52 6.11
CA ALA A 246 10.68 3.12 6.45
C ALA A 246 11.59 2.17 7.21
N ASN A 247 11.01 1.28 8.01
CA ASN A 247 11.78 0.42 8.92
C ASN A 247 12.13 -0.97 8.38
N HIS A 248 11.85 -1.23 7.10
CA HIS A 248 12.37 -2.42 6.44
C HIS A 248 13.89 -2.31 6.38
N CYS A 249 14.59 -3.18 7.09
CA CYS A 249 16.04 -3.12 7.12
C CYS A 249 16.62 -3.71 5.84
N SER A 250 17.79 -3.22 5.45
CA SER A 250 18.43 -3.65 4.20
C SER A 250 18.66 -5.16 4.14
N ASP A 251 18.97 -5.77 5.28
CA ASP A 251 19.13 -7.23 5.37
C ASP A 251 17.86 -7.94 4.93
N ALA A 252 16.73 -7.54 5.53
CA ALA A 252 15.43 -8.13 5.20
C ALA A 252 15.06 -7.91 3.74
N MET A 253 15.26 -6.70 3.25
CA MET A 253 14.97 -6.37 1.85
C MET A 253 15.82 -7.20 0.90
N ASN A 254 17.13 -7.19 1.11
CA ASN A 254 18.06 -7.96 0.28
C ASN A 254 17.76 -9.46 0.26
N ILE A 255 17.58 -10.04 1.44
CA ILE A 255 17.32 -11.48 1.54
C ILE A 255 15.99 -11.83 0.87
N MET A 256 14.96 -11.02 1.07
CA MET A 256 13.66 -11.25 0.43
C MET A 256 13.78 -11.23 -1.09
N PHE A 257 14.41 -10.19 -1.63
CA PHE A 257 14.61 -10.08 -3.07
C PHE A 257 15.37 -11.29 -3.62
N GLU A 258 16.39 -11.71 -2.88
CA GLU A 258 17.21 -12.86 -3.27
C GLU A 258 16.44 -14.17 -3.31
N GLU A 259 15.50 -14.37 -2.39
CA GLU A 259 14.77 -15.65 -2.30
C GLU A 259 13.47 -15.67 -3.11
N VAL A 260 12.78 -14.55 -3.20
CA VAL A 260 11.51 -14.50 -3.92
C VAL A 260 11.70 -14.43 -5.44
N PHE A 261 12.68 -13.64 -5.86
CA PHE A 261 12.84 -13.34 -7.29
C PHE A 261 14.02 -14.08 -7.93
N ARG A 262 14.13 -15.37 -7.62
CA ARG A 262 15.21 -16.20 -8.17
C ARG A 262 14.93 -16.56 -9.62
N THR A 263 16.00 -16.77 -10.39
CA THR A 263 15.88 -17.14 -11.80
C THR A 263 15.20 -18.51 -11.96
N GLU A 264 15.38 -19.39 -10.98
CA GLU A 264 14.73 -20.70 -10.99
C GLU A 264 13.20 -20.63 -10.87
N PHE A 265 12.67 -19.48 -10.44
CA PHE A 265 11.23 -19.25 -10.42
C PHE A 265 10.74 -18.46 -11.66
N GLY A 266 11.58 -18.39 -12.70
CA GLY A 266 11.18 -17.81 -13.99
C GLY A 266 11.52 -16.35 -14.20
N PHE A 267 12.15 -15.71 -13.22
CA PHE A 267 12.52 -14.30 -13.33
C PHE A 267 13.82 -14.11 -14.12
N HIS A 268 13.91 -12.97 -14.80
CA HIS A 268 15.15 -12.51 -15.40
C HIS A 268 16.10 -12.13 -14.25
N PRO A 269 17.42 -12.36 -14.40
CA PRO A 269 18.37 -12.04 -13.31
C PRO A 269 18.35 -10.58 -12.80
N ASN A 270 17.96 -9.65 -13.67
CA ASN A 270 17.86 -8.23 -13.29
C ASN A 270 16.59 -7.86 -12.51
N ALA A 271 15.69 -8.81 -12.28
CA ALA A 271 14.56 -8.58 -11.38
C ALA A 271 15.08 -8.35 -9.97
N GLU A 272 15.97 -9.22 -9.52
CA GLU A 272 16.64 -9.04 -8.23
C GLU A 272 17.42 -7.72 -8.22
N TRP A 273 18.15 -7.45 -9.30
CA TRP A 273 19.00 -6.26 -9.36
C TRP A 273 18.19 -4.96 -9.26
N ILE A 274 17.14 -4.82 -10.07
CA ILE A 274 16.35 -3.58 -10.08
C ILE A 274 15.62 -3.36 -8.75
N LEU A 275 15.18 -4.44 -8.10
CA LEU A 275 14.59 -4.34 -6.77
C LEU A 275 15.62 -3.90 -5.73
N LYS A 276 16.85 -4.40 -5.86
CA LYS A 276 17.93 -4.05 -4.94
C LYS A 276 18.36 -2.58 -5.04
N THR A 277 18.06 -1.92 -6.16
CA THR A 277 18.34 -0.49 -6.29
C THR A 277 17.46 0.37 -5.36
N LEU A 278 16.41 -0.24 -4.79
CA LEU A 278 15.54 0.44 -3.83
C LEU A 278 16.13 0.50 -2.41
N VAL A 279 17.19 -0.27 -2.15
CA VAL A 279 17.71 -0.41 -0.78
C VAL A 279 18.51 0.81 -0.35
N ASN A 280 19.51 1.19 -1.14
CA ASN A 280 20.30 2.40 -0.90
C ASN A 280 19.90 3.46 -1.92
N THR A 281 19.20 4.49 -1.46
CA THR A 281 18.59 5.48 -2.36
C THR A 281 18.97 6.91 -2.00
N GLU A 282 19.09 7.75 -3.03
CA GLU A 282 19.30 9.18 -2.87
C GLU A 282 17.99 9.90 -3.10
N HIS A 283 17.62 10.79 -2.18
CA HIS A 283 16.34 11.50 -2.22
C HIS A 283 16.57 12.99 -2.37
N ALA A 284 15.94 13.57 -3.39
CA ALA A 284 16.09 15.00 -3.68
C ALA A 284 14.93 15.80 -3.08
N TYR A 285 15.29 16.80 -2.27
CA TYR A 285 14.32 17.70 -1.66
C TYR A 285 14.91 19.10 -1.72
N GLU A 286 14.36 19.95 -2.60
N GLU A 286 14.35 19.95 -2.59
CA GLU A 286 14.88 21.30 -2.83
CA GLU A 286 14.88 21.31 -2.81
C GLU A 286 16.36 21.22 -3.20
C GLU A 286 16.36 21.23 -3.20
N ASN A 287 17.24 21.88 -2.45
CA ASN A 287 18.68 21.82 -2.71
C ASN A 287 19.39 20.68 -1.97
N LYS A 288 18.64 19.95 -1.14
CA LYS A 288 19.21 18.85 -0.38
C LYS A 288 19.16 17.52 -1.14
N ARG A 289 20.20 16.71 -0.95
CA ARG A 289 20.21 15.34 -1.43
C ARG A 289 20.53 14.46 -0.23
N ILE A 290 19.58 13.59 0.13
CA ILE A 290 19.69 12.77 1.33
C ILE A 290 19.81 11.30 0.93
N THR A 291 20.91 10.67 1.33
CA THR A 291 21.15 9.26 1.04
C THR A 291 20.67 8.40 2.21
N VAL A 292 19.79 7.44 1.90
CA VAL A 292 19.17 6.59 2.91
C VAL A 292 19.45 5.12 2.61
N GLU A 293 19.98 4.40 3.60
CA GLU A 293 20.21 2.97 3.47
C GLU A 293 19.13 2.20 4.22
N GLY A 294 18.47 1.28 3.51
CA GLY A 294 17.34 0.55 4.07
C GLY A 294 16.04 1.30 3.88
N GLY A 295 14.93 0.61 4.12
CA GLY A 295 13.60 1.20 3.97
C GLY A 295 13.10 1.13 2.54
N MET A 296 11.79 0.95 2.38
CA MET A 296 11.17 0.94 1.06
C MET A 296 10.75 2.35 0.67
N PRO A 297 11.18 2.82 -0.51
CA PRO A 297 10.65 4.09 -1.02
C PRO A 297 9.13 4.05 -1.12
N SER A 298 8.47 5.10 -0.63
CA SER A 298 7.02 5.10 -0.50
C SER A 298 6.31 5.45 -1.81
N GLY A 299 5.27 4.69 -2.13
CA GLY A 299 4.42 4.96 -3.28
C GLY A 299 5.06 4.67 -4.64
N CYS A 300 6.05 3.78 -4.66
CA CYS A 300 6.78 3.45 -5.88
C CYS A 300 6.23 2.20 -6.55
N SER A 301 6.85 1.77 -7.65
CA SER A 301 6.40 0.60 -8.39
C SER A 301 6.47 -0.66 -7.51
N ALA A 302 5.34 -1.35 -7.41
CA ALA A 302 5.24 -2.60 -6.64
C ALA A 302 5.44 -2.42 -5.13
N THR A 303 5.25 -1.20 -4.62
CA THR A 303 5.43 -0.95 -3.18
C THR A 303 4.48 -1.78 -2.32
N SER A 304 3.23 -1.89 -2.73
CA SER A 304 2.23 -2.67 -1.97
C SER A 304 2.56 -4.15 -1.98
N ILE A 305 2.94 -4.67 -3.15
CA ILE A 305 3.33 -6.07 -3.30
C ILE A 305 4.56 -6.39 -2.46
N ILE A 306 5.58 -5.55 -2.55
CA ILE A 306 6.83 -5.74 -1.79
C ILE A 306 6.57 -5.71 -0.28
N ASN A 307 5.82 -4.69 0.17
CA ASN A 307 5.47 -4.58 1.58
C ASN A 307 4.65 -5.75 2.09
N THR A 308 3.74 -6.24 1.26
CA THR A 308 2.90 -7.40 1.59
C THR A 308 3.74 -8.67 1.74
N ILE A 309 4.67 -8.87 0.82
CA ILE A 309 5.56 -10.04 0.87
C ILE A 309 6.39 -10.02 2.16
N LEU A 310 6.99 -8.88 2.48
CA LEU A 310 7.78 -8.73 3.70
C LEU A 310 6.93 -9.00 4.94
N ASN A 311 5.69 -8.53 4.93
CA ASN A 311 4.79 -8.72 6.08
C ASN A 311 4.57 -10.21 6.35
N ASN A 312 4.33 -10.98 5.30
CA ASN A 312 4.19 -12.43 5.41
C ASN A 312 5.42 -13.11 6.00
N ILE A 313 6.59 -12.70 5.54
CA ILE A 313 7.85 -13.28 6.01
C ILE A 313 8.10 -12.90 7.46
N TYR A 314 7.78 -11.66 7.83
CA TYR A 314 7.95 -11.17 9.20
C TYR A 314 7.19 -12.03 10.22
N VAL A 315 5.96 -12.40 9.90
CA VAL A 315 5.13 -13.19 10.81
C VAL A 315 5.74 -14.58 11.01
N LEU A 316 6.13 -15.22 9.90
CA LEU A 316 6.77 -16.54 9.95
C LEU A 316 8.06 -16.47 10.76
N TYR A 317 8.85 -15.43 10.50
CA TYR A 317 10.11 -15.18 11.21
C TYR A 317 9.89 -15.00 12.71
N ALA A 318 8.97 -14.12 13.08
CA ALA A 318 8.71 -13.80 14.49
C ALA A 318 8.24 -15.04 15.27
N LEU A 319 7.33 -15.80 14.68
CA LEU A 319 6.80 -17.01 15.32
C LEU A 319 7.86 -18.09 15.48
N ARG A 320 8.69 -18.27 14.45
CA ARG A 320 9.78 -19.26 14.51
C ARG A 320 10.89 -18.85 15.47
N ARG A 321 11.08 -17.56 15.68
CA ARG A 321 12.10 -17.06 16.61
C ARG A 321 11.69 -17.33 18.06
N HIS A 322 10.38 -17.39 18.32
CA HIS A 322 9.85 -17.62 19.66
C HIS A 322 9.47 -19.08 19.91
N TYR A 323 8.80 -19.70 18.95
CA TYR A 323 8.30 -21.07 19.08
C TYR A 323 9.08 -22.05 18.20
N GLU A 324 9.09 -23.31 18.61
CA GLU A 324 9.64 -24.39 17.78
C GLU A 324 8.51 -25.06 17.01
N GLY A 325 8.85 -25.63 15.85
CA GLY A 325 7.90 -26.38 15.03
C GLY A 325 6.86 -25.56 14.29
N VAL A 326 7.14 -24.26 14.10
CA VAL A 326 6.23 -23.39 13.38
C VAL A 326 6.40 -23.56 11.87
N GLU A 327 5.29 -23.80 11.18
CA GLU A 327 5.26 -23.91 9.73
C GLU A 327 4.16 -22.98 9.20
N LEU A 328 4.01 -22.94 7.87
CA LEU A 328 3.01 -22.08 7.24
C LEU A 328 1.56 -22.44 7.60
N ASP A 329 1.31 -23.68 7.98
CA ASP A 329 -0.05 -24.12 8.38
C ASP A 329 -0.31 -24.00 9.89
N THR A 330 0.65 -23.48 10.64
CA THR A 330 0.47 -23.20 12.07
C THR A 330 -0.50 -22.03 12.27
N TYR A 331 -0.53 -21.12 11.29
CA TYR A 331 -1.39 -19.95 11.34
C TYR A 331 -1.88 -19.66 9.93
N THR A 332 -2.72 -18.63 9.80
CA THR A 332 -3.12 -18.12 8.50
C THR A 332 -3.11 -16.59 8.59
N MET A 333 -2.93 -15.93 7.46
CA MET A 333 -2.96 -14.47 7.44
C MET A 333 -3.26 -13.92 6.07
N ILE A 334 -3.64 -12.63 6.05
CA ILE A 334 -3.74 -11.88 4.82
C ILE A 334 -3.21 -10.47 5.09
N SER A 335 -2.55 -9.90 4.09
CA SER A 335 -1.87 -8.62 4.25
C SER A 335 -2.07 -7.74 3.03
N TYR A 336 -2.09 -6.42 3.26
CA TYR A 336 -2.04 -5.43 2.21
C TYR A 336 -1.10 -4.34 2.70
N GLY A 337 0.13 -4.38 2.22
CA GLY A 337 1.17 -3.49 2.70
C GLY A 337 1.43 -3.73 4.18
N ASP A 338 1.33 -2.68 4.98
CA ASP A 338 1.53 -2.79 6.43
C ASP A 338 0.30 -3.37 7.14
N ASP A 339 -0.85 -3.34 6.49
CA ASP A 339 -2.08 -3.84 7.08
C ASP A 339 -2.05 -5.37 7.10
N ILE A 340 -2.53 -5.96 8.19
CA ILE A 340 -2.45 -7.41 8.37
C ILE A 340 -3.52 -7.95 9.33
N VAL A 341 -4.06 -9.11 8.97
CA VAL A 341 -4.91 -9.90 9.86
C VAL A 341 -4.29 -11.29 9.94
N VAL A 342 -4.10 -11.78 11.17
CA VAL A 342 -3.52 -13.09 11.41
C VAL A 342 -4.51 -13.92 12.23
N ALA A 343 -4.51 -15.23 12.01
CA ALA A 343 -5.36 -16.13 12.79
C ALA A 343 -4.69 -17.48 13.01
N SER A 344 -5.11 -18.16 14.08
CA SER A 344 -4.59 -19.47 14.42
C SER A 344 -5.48 -20.16 15.45
N ASP A 345 -5.48 -21.49 15.43
CA ASP A 345 -6.14 -22.28 16.46
C ASP A 345 -5.26 -22.38 17.71
N TYR A 346 -3.95 -22.21 17.53
CA TYR A 346 -3.03 -22.17 18.66
C TYR A 346 -3.14 -20.82 19.37
N ASP A 347 -3.02 -20.85 20.69
CA ASP A 347 -3.02 -19.63 21.48
C ASP A 347 -1.66 -18.95 21.40
N LEU A 348 -1.39 -18.31 20.26
CA LEU A 348 -0.12 -17.65 20.02
C LEU A 348 -0.03 -16.39 20.88
N ASP A 349 1.13 -16.18 21.49
CA ASP A 349 1.34 -15.04 22.37
C ASP A 349 1.97 -13.89 21.58
N PHE A 350 1.12 -13.07 20.97
CA PHE A 350 1.59 -11.94 20.15
C PHE A 350 2.27 -10.84 20.95
N GLU A 351 1.97 -10.75 22.25
CA GLU A 351 2.68 -9.84 23.13
C GLU A 351 4.15 -10.25 23.26
N ALA A 352 4.39 -11.56 23.33
CA ALA A 352 5.74 -12.10 23.40
C ALA A 352 6.51 -11.96 22.08
N LEU A 353 5.80 -11.75 20.98
CA LEU A 353 6.43 -11.57 19.67
C LEU A 353 7.02 -10.17 19.47
N LYS A 354 6.65 -9.20 20.31
CA LYS A 354 7.13 -7.82 20.18
C LYS A 354 8.66 -7.70 20.01
N PRO A 355 9.45 -8.30 20.93
CA PRO A 355 10.90 -8.23 20.78
C PRO A 355 11.44 -8.89 19.50
N HIS A 356 10.73 -9.90 19.00
CA HIS A 356 11.15 -10.60 17.78
C HIS A 356 10.91 -9.74 16.54
N PHE A 357 9.80 -9.01 16.52
CA PHE A 357 9.56 -8.00 15.49
C PHE A 357 10.57 -6.86 15.59
N LYS A 358 10.94 -6.49 16.82
CA LYS A 358 11.97 -5.46 17.05
C LYS A 358 13.33 -5.83 16.46
N SER A 359 13.63 -7.11 16.39
CA SER A 359 14.89 -7.57 15.78
C SER A 359 14.92 -7.34 14.25
N LEU A 360 13.75 -7.12 13.65
CA LEU A 360 13.62 -6.70 12.25
C LEU A 360 13.57 -5.17 12.13
N GLY A 361 13.64 -4.46 13.25
CA GLY A 361 13.48 -3.01 13.27
C GLY A 361 12.02 -2.55 13.24
N GLN A 362 11.09 -3.47 13.47
CA GLN A 362 9.66 -3.17 13.39
C GLN A 362 9.01 -3.14 14.78
N THR A 363 8.10 -2.20 14.98
CA THR A 363 7.37 -2.05 16.25
C THR A 363 5.90 -2.40 16.05
N ILE A 364 5.47 -3.52 16.64
CA ILE A 364 4.06 -3.95 16.53
C ILE A 364 3.25 -3.59 17.78
N THR A 365 2.01 -3.21 17.56
CA THR A 365 1.05 -2.94 18.63
C THR A 365 -0.32 -3.44 18.21
N PRO A 366 -1.20 -3.74 19.19
CA PRO A 366 -2.55 -4.14 18.81
C PRO A 366 -3.30 -2.98 18.16
N ALA A 367 -4.14 -3.29 17.18
CA ALA A 367 -4.94 -2.28 16.49
C ALA A 367 -6.03 -1.70 17.41
N ASP A 368 -6.46 -2.49 18.39
CA ASP A 368 -7.44 -2.05 19.38
C ASP A 368 -6.89 -0.99 20.34
N LYS A 369 -5.57 -1.01 20.52
CA LYS A 369 -4.87 -0.06 21.41
C LYS A 369 -5.29 -0.23 22.87
N SER A 370 -5.53 -1.48 23.27
CA SER A 370 -5.98 -1.79 24.63
C SER A 370 -4.79 -1.87 25.59
N ASP A 371 -5.08 -1.79 26.88
CA ASP A 371 -4.06 -1.89 27.93
C ASP A 371 -3.51 -3.31 27.98
N LYS A 372 -2.27 -3.46 28.45
CA LYS A 372 -1.54 -4.73 28.46
C LYS A 372 -0.98 -5.05 27.07
N GLY A 373 -1.87 -5.20 26.08
CA GLY A 373 -1.46 -5.39 24.69
C GLY A 373 -2.31 -6.42 23.97
N PHE A 374 -1.66 -7.34 23.29
CA PHE A 374 -2.35 -8.38 22.53
C PHE A 374 -3.03 -9.38 23.45
N VAL A 375 -4.19 -9.90 23.02
CA VAL A 375 -4.94 -10.88 23.79
C VAL A 375 -5.55 -11.94 22.89
N LEU A 376 -5.92 -13.07 23.49
CA LEU A 376 -6.54 -14.18 22.76
C LEU A 376 -8.05 -13.99 22.68
N GLY A 377 -8.70 -14.78 21.82
CA GLY A 377 -10.15 -14.86 21.77
C GLY A 377 -10.87 -13.95 20.79
N HIS A 378 -10.15 -12.99 20.20
CA HIS A 378 -10.76 -12.09 19.21
C HIS A 378 -11.13 -12.85 17.94
N SER A 379 -12.16 -12.37 17.25
CA SER A 379 -12.67 -13.02 16.05
C SER A 379 -12.61 -12.07 14.84
N ILE A 380 -12.98 -12.58 13.68
CA ILE A 380 -12.97 -11.79 12.44
C ILE A 380 -13.88 -10.55 12.53
N THR A 381 -14.97 -10.65 13.28
CA THR A 381 -15.91 -9.54 13.45
C THR A 381 -15.40 -8.43 14.39
N ASP A 382 -14.25 -8.65 15.03
CA ASP A 382 -13.65 -7.64 15.91
C ASP A 382 -12.59 -6.78 15.21
N VAL A 383 -12.04 -7.27 14.11
CA VAL A 383 -10.85 -6.64 13.50
C VAL A 383 -11.16 -5.67 12.37
N THR A 384 -10.18 -4.83 12.05
CA THR A 384 -10.25 -3.92 10.91
C THR A 384 -9.19 -4.32 9.89
N PHE A 385 -9.52 -4.18 8.61
CA PHE A 385 -8.58 -4.45 7.52
C PHE A 385 -8.93 -3.54 6.35
N LEU A 386 -7.94 -2.80 5.86
CA LEU A 386 -8.16 -1.77 4.83
C LEU A 386 -9.23 -0.77 5.26
N LYS A 387 -9.21 -0.40 6.54
CA LYS A 387 -10.18 0.53 7.13
C LYS A 387 -11.64 0.03 7.04
N ARG A 388 -11.80 -1.29 6.95
CA ARG A 388 -13.12 -1.91 6.80
C ARG A 388 -13.31 -2.99 7.86
N HIS A 389 -14.49 -3.02 8.48
CA HIS A 389 -14.85 -4.08 9.41
C HIS A 389 -15.45 -5.25 8.64
N PHE A 390 -15.49 -6.41 9.28
CA PHE A 390 -16.14 -7.60 8.73
C PHE A 390 -17.48 -7.78 9.41
N HIS A 391 -18.54 -7.24 8.81
CA HIS A 391 -19.89 -7.36 9.35
C HIS A 391 -20.75 -8.27 8.49
N MET A 392 -21.75 -8.87 9.14
CA MET A 392 -22.68 -9.78 8.49
C MET A 392 -23.84 -8.98 7.89
N ASP A 393 -24.09 -9.17 6.60
CA ASP A 393 -25.26 -8.57 5.96
C ASP A 393 -26.50 -9.38 6.32
N TYR A 394 -27.51 -8.73 6.88
CA TYR A 394 -28.71 -9.43 7.33
C TYR A 394 -29.52 -10.01 6.16
N GLY A 395 -29.57 -9.29 5.05
CA GLY A 395 -30.36 -9.71 3.89
C GLY A 395 -29.87 -10.98 3.22
N THR A 396 -28.55 -11.14 3.13
CA THR A 396 -27.95 -12.26 2.41
C THR A 396 -27.20 -13.26 3.30
N GLY A 397 -26.71 -12.81 4.45
CA GLY A 397 -25.85 -13.63 5.29
C GLY A 397 -24.41 -13.70 4.79
N PHE A 398 -24.03 -12.78 3.90
CA PHE A 398 -22.64 -12.66 3.44
C PHE A 398 -21.93 -11.58 4.24
N TYR A 399 -20.61 -11.68 4.35
CA TYR A 399 -19.81 -10.63 4.95
C TYR A 399 -19.75 -9.44 4.01
N LYS A 400 -19.75 -8.24 4.58
CA LYS A 400 -19.61 -7.00 3.80
C LYS A 400 -18.60 -6.07 4.46
N PRO A 401 -17.84 -5.31 3.66
CA PRO A 401 -16.85 -4.37 4.21
C PRO A 401 -17.49 -3.06 4.67
N VAL A 402 -17.54 -2.86 5.98
CA VAL A 402 -18.17 -1.68 6.55
C VAL A 402 -17.11 -0.71 7.06
N MET A 403 -17.11 0.50 6.53
CA MET A 403 -16.21 1.55 7.01
C MET A 403 -16.88 2.35 8.12
N ALA A 404 -16.07 2.88 9.03
CA ALA A 404 -16.58 3.74 10.09
C ALA A 404 -17.18 5.00 9.49
N SER A 405 -18.30 5.45 10.06
CA SER A 405 -18.99 6.63 9.54
C SER A 405 -18.13 7.89 9.60
N LYS A 406 -17.31 8.02 10.65
CA LYS A 406 -16.40 9.15 10.78
C LYS A 406 -15.37 9.19 9.64
N THR A 407 -14.91 8.00 9.20
CA THR A 407 -14.01 7.90 8.06
C THR A 407 -14.70 8.38 6.79
N LEU A 408 -15.92 7.89 6.56
CA LEU A 408 -16.70 8.26 5.38
C LEU A 408 -17.05 9.75 5.37
N GLU A 409 -17.40 10.29 6.53
CA GLU A 409 -17.66 11.72 6.68
C GLU A 409 -16.43 12.56 6.31
N ALA A 410 -15.26 12.11 6.76
CA ALA A 410 -13.99 12.79 6.46
C ALA A 410 -13.69 12.76 4.96
N ILE A 411 -13.89 11.60 4.35
CA ILE A 411 -13.67 11.42 2.91
C ILE A 411 -14.59 12.36 2.10
N LEU A 412 -15.86 12.43 2.49
CA LEU A 412 -16.84 13.23 1.78
C LEU A 412 -16.69 14.74 1.99
N SER A 413 -15.99 15.14 3.04
CA SER A 413 -15.86 16.57 3.40
C SER A 413 -14.86 17.34 2.55
N PHE A 414 -14.03 16.65 1.76
CA PHE A 414 -13.07 17.31 0.88
C PHE A 414 -13.03 16.62 -0.48
N ALA A 415 -12.62 17.38 -1.50
CA ALA A 415 -12.49 16.83 -2.85
C ALA A 415 -11.62 17.74 -3.73
N ARG A 416 -11.00 17.14 -4.74
CA ARG A 416 -10.26 17.90 -5.74
C ARG A 416 -11.27 18.59 -6.65
N ARG A 417 -10.98 19.84 -7.03
CA ARG A 417 -11.88 20.63 -7.86
C ARG A 417 -12.19 19.94 -9.19
N GLY A 418 -13.48 19.83 -9.51
CA GLY A 418 -13.94 19.22 -10.76
C GLY A 418 -14.01 17.71 -10.75
N THR A 419 -13.90 17.09 -9.58
CA THR A 419 -13.93 15.62 -9.45
C THR A 419 -15.02 15.12 -8.50
N ILE A 420 -15.91 16.01 -8.06
CA ILE A 420 -16.84 15.68 -6.97
C ILE A 420 -17.83 14.60 -7.40
N GLN A 421 -18.41 14.74 -8.60
CA GLN A 421 -19.38 13.76 -9.09
C GLN A 421 -18.78 12.36 -9.17
N GLU A 422 -17.57 12.26 -9.72
CA GLU A 422 -16.86 10.99 -9.80
C GLU A 422 -16.55 10.42 -8.41
N LYS A 423 -16.12 11.29 -7.50
CA LYS A 423 -15.80 10.86 -6.13
C LYS A 423 -17.02 10.34 -5.39
N LEU A 424 -18.16 11.02 -5.55
CA LEU A 424 -19.39 10.61 -4.88
C LEU A 424 -19.86 9.22 -5.30
N ILE A 425 -19.74 8.91 -6.59
CA ILE A 425 -20.09 7.57 -7.10
C ILE A 425 -19.18 6.52 -6.46
N SER A 426 -17.88 6.82 -6.39
CA SER A 426 -16.90 5.93 -5.77
C SER A 426 -17.18 5.72 -4.28
N VAL A 427 -17.38 6.82 -3.55
CA VAL A 427 -17.62 6.76 -2.11
C VAL A 427 -18.97 6.09 -1.80
N ALA A 428 -19.94 6.24 -2.70
CA ALA A 428 -21.23 5.56 -2.55
C ALA A 428 -21.06 4.04 -2.51
N GLY A 429 -20.12 3.52 -3.30
CA GLY A 429 -19.78 2.10 -3.26
C GLY A 429 -19.24 1.66 -1.92
N LEU A 430 -18.51 2.54 -1.24
CA LEU A 430 -17.99 2.26 0.09
C LEU A 430 -19.10 2.37 1.14
N ALA A 431 -19.96 3.37 1.00
CA ALA A 431 -20.97 3.70 2.02
C ALA A 431 -22.20 2.79 2.04
N VAL A 432 -22.47 2.11 0.92
CA VAL A 432 -23.65 1.23 0.83
C VAL A 432 -23.69 0.19 1.95
N HIS A 433 -22.52 -0.28 2.38
CA HIS A 433 -22.42 -1.34 3.40
C HIS A 433 -22.76 -0.86 4.81
N SER A 434 -22.84 0.46 5.00
CA SER A 434 -23.23 1.03 6.30
C SER A 434 -24.74 0.92 6.57
N GLY A 435 -25.52 0.49 5.57
CA GLY A 435 -26.97 0.35 5.70
C GLY A 435 -27.69 1.56 5.13
N PRO A 436 -29.01 1.41 4.87
CA PRO A 436 -29.80 2.45 4.20
C PRO A 436 -29.89 3.78 4.96
N ASP A 437 -30.08 3.71 6.27
CA ASP A 437 -30.22 4.92 7.09
C ASP A 437 -28.93 5.75 7.08
N GLU A 438 -27.80 5.09 7.31
CA GLU A 438 -26.50 5.77 7.34
C GLU A 438 -26.10 6.24 5.94
N TYR A 439 -26.40 5.43 4.92
CA TYR A 439 -26.15 5.82 3.54
C TYR A 439 -26.88 7.11 3.19
N ARG A 440 -28.17 7.17 3.51
CA ARG A 440 -28.98 8.36 3.26
C ARG A 440 -28.43 9.60 3.98
N ARG A 441 -28.06 9.42 5.24
CA ARG A 441 -27.53 10.53 6.05
C ARG A 441 -26.22 11.09 5.48
N LEU A 442 -25.32 10.20 5.08
CA LEU A 442 -24.01 10.60 4.57
C LEU A 442 -24.08 11.44 3.30
N PHE A 443 -25.02 11.11 2.41
CA PHE A 443 -25.14 11.78 1.11
C PHE A 443 -26.21 12.88 1.07
N GLU A 444 -26.87 13.12 2.19
CA GLU A 444 -27.94 14.12 2.24
C GLU A 444 -27.50 15.52 1.81
N PRO A 445 -26.29 15.95 2.23
CA PRO A 445 -25.79 17.27 1.80
C PRO A 445 -25.60 17.43 0.28
N PHE A 446 -25.41 16.33 -0.44
CA PHE A 446 -25.15 16.37 -1.88
C PHE A 446 -26.39 16.22 -2.76
N GLN A 447 -27.53 15.83 -2.17
CA GLN A 447 -28.74 15.58 -2.95
C GLN A 447 -29.21 16.86 -3.65
N GLY A 448 -29.57 16.72 -4.93
CA GLY A 448 -29.96 17.85 -5.75
C GLY A 448 -28.81 18.40 -6.58
N LEU A 449 -27.67 18.59 -5.95
CA LEU A 449 -26.48 19.15 -6.60
C LEU A 449 -25.74 18.13 -7.45
N PHE A 450 -25.81 16.86 -7.05
CA PHE A 450 -25.12 15.77 -7.76
C PHE A 450 -26.01 14.54 -7.84
N GLU A 451 -25.69 13.66 -8.78
CA GLU A 451 -26.36 12.37 -8.89
C GLU A 451 -25.81 11.43 -7.81
N ILE A 452 -26.68 11.02 -6.88
CA ILE A 452 -26.31 10.06 -5.85
C ILE A 452 -26.97 8.73 -6.18
N PRO A 453 -26.18 7.64 -6.30
CA PRO A 453 -26.79 6.34 -6.57
C PRO A 453 -27.79 5.96 -5.49
N SER A 454 -28.89 5.32 -5.88
CA SER A 454 -29.85 4.83 -4.91
C SER A 454 -29.19 3.71 -4.12
N TYR A 455 -29.50 3.63 -2.82
CA TYR A 455 -29.03 2.54 -1.99
C TYR A 455 -29.39 1.20 -2.64
N ARG A 456 -30.63 1.09 -3.07
CA ARG A 456 -31.16 -0.12 -3.71
C ARG A 456 -30.28 -0.60 -4.87
N SER A 457 -29.91 0.31 -5.76
CA SER A 457 -29.12 -0.04 -6.94
C SER A 457 -27.74 -0.60 -6.56
N LEU A 458 -27.08 0.05 -5.61
CA LEU A 458 -25.76 -0.41 -5.16
C LEU A 458 -25.85 -1.70 -4.35
N TYR A 459 -26.93 -1.89 -3.61
CA TYR A 459 -27.12 -3.14 -2.86
C TYR A 459 -27.26 -4.33 -3.81
N LEU A 460 -28.10 -4.19 -4.83
CA LEU A 460 -28.29 -5.24 -5.83
C LEU A 460 -27.02 -5.52 -6.63
N ARG A 461 -26.29 -4.46 -6.98
CA ARG A 461 -24.99 -4.61 -7.63
C ARG A 461 -24.06 -5.47 -6.78
N TRP A 462 -24.03 -5.18 -5.48
CA TRP A 462 -23.17 -5.89 -4.54
C TRP A 462 -23.54 -7.36 -4.37
N VAL A 463 -24.84 -7.65 -4.26
CA VAL A 463 -25.30 -9.04 -4.07
C VAL A 463 -24.79 -9.92 -5.22
N ASN A 464 -24.93 -9.43 -6.45
CA ASN A 464 -24.44 -10.15 -7.62
C ASN A 464 -22.91 -10.26 -7.65
N ALA A 465 -22.23 -9.20 -7.23
CA ALA A 465 -20.77 -9.19 -7.16
C ALA A 465 -20.25 -10.26 -6.20
N VAL A 466 -20.88 -10.37 -5.04
CA VAL A 466 -20.48 -11.36 -4.02
C VAL A 466 -20.81 -12.78 -4.48
N CYS A 467 -22.02 -12.97 -4.97
CA CYS A 467 -22.51 -14.31 -5.32
C CYS A 467 -23.57 -14.23 -6.42
N GLY A 468 -23.14 -14.48 -7.66
CA GLY A 468 -24.05 -14.49 -8.80
C GLY A 468 -25.15 -15.52 -8.68
N ASP A 469 -24.80 -16.68 -8.10
CA ASP A 469 -25.78 -17.75 -7.88
C ASP A 469 -26.88 -17.32 -6.92
N ALA A 470 -26.51 -16.55 -5.89
CA ALA A 470 -27.48 -16.02 -4.93
C ALA A 470 -28.41 -15.02 -5.59
N ALA A 471 -27.85 -14.12 -6.40
CA ALA A 471 -28.64 -13.15 -7.17
C ALA A 471 -29.63 -13.85 -8.10
N ALA A 472 -29.17 -14.90 -8.77
CA ALA A 472 -30.03 -15.70 -9.66
C ALA A 472 -31.11 -16.45 -8.86
N ALA A 473 -30.71 -17.03 -7.74
CA ALA A 473 -31.64 -17.80 -6.90
C ALA A 473 -32.82 -16.97 -6.40
N LEU A 474 -32.57 -15.69 -6.13
CA LEU A 474 -33.61 -14.77 -5.65
C LEU A 474 -34.71 -14.49 -6.69
N GLU A 475 -34.47 -14.85 -7.95
CA GLU A 475 -35.46 -14.66 -9.02
C GLU A 475 -36.20 -15.95 -9.40
N HIS A 476 -35.96 -17.04 -8.68
CA HIS A 476 -36.60 -18.32 -8.98
C HIS A 476 -38.10 -18.32 -8.75
N HIS A 477 -38.55 -17.60 -7.72
CA HIS A 477 -39.94 -17.67 -7.27
C HIS A 477 -40.71 -16.39 -7.55
N HIS A 478 -41.95 -16.56 -8.00
CA HIS A 478 -42.84 -15.46 -8.34
C HIS A 478 -43.33 -14.74 -7.08
N HIS A 479 -43.34 -13.41 -7.12
CA HIS A 479 -43.81 -12.60 -5.99
C HIS A 479 -45.33 -12.45 -6.04
PG 3PO B . 1.98 6.40 13.71
O1G 3PO B . 2.01 7.81 13.17
O2G 3PO B . 2.74 6.33 15.00
O3G 3PO B . 0.55 5.98 13.94
PB 3PO B . 2.09 5.20 11.19
O1B 3PO B . 2.99 4.22 10.46
O2B 3PO B . 0.68 4.65 11.25
O3B 3PO B . 2.64 5.43 12.65
PA 3PO B . 1.19 6.89 9.14
O1A 3PO B . 1.89 7.92 8.28
O2A 3PO B . 0.98 5.63 8.34
O3A 3PO B . 2.09 6.58 10.40
O5' 3PO B . -0.13 7.43 9.60
C1 GOL C . 2.97 -23.49 17.70
O1 GOL C . 3.84 -24.50 17.18
C2 GOL C . 2.97 -23.52 19.22
O2 GOL C . 2.98 -24.88 19.69
C3 GOL C . 1.73 -22.82 19.76
O3 GOL C . 2.03 -22.15 20.98
C1 GOL D . 7.42 10.07 -28.71
O1 GOL D . 7.19 11.09 -27.74
C2 GOL D . 7.95 8.82 -28.01
O2 GOL D . 9.20 9.11 -27.38
C3 GOL D . 8.12 7.68 -29.01
O3 GOL D . 9.14 8.00 -29.96
C1 GOL E . -6.25 -8.68 19.75
O1 GOL E . -5.04 -8.70 20.51
C2 GOL E . -6.09 -7.73 18.57
O2 GOL E . -7.00 -8.12 17.53
C3 GOL E . -6.39 -6.30 19.02
O3 GOL E . -6.06 -5.39 17.97
C1 GOL F . 0.41 -19.06 5.48
O1 GOL F . -0.57 -19.52 6.41
C2 GOL F . -0.13 -17.85 4.70
O2 GOL F . -1.46 -17.55 5.10
C3 GOL F . 0.75 -16.63 4.95
O3 GOL F . 1.90 -16.64 4.10
C ACT G . 3.19 4.33 -13.12
O ACT G . 3.90 5.08 -12.42
OXT ACT G . 2.68 4.76 -14.19
CH3 ACT G . 2.91 2.91 -12.67
#